data_6D2N
#
_entry.id   6D2N
#
_cell.length_a   71.374
_cell.length_b   77.504
_cell.length_c   86.827
_cell.angle_alpha   90.00
_cell.angle_beta   90.00
_cell.angle_gamma   90.00
#
_symmetry.space_group_name_H-M   'I 2 2 2'
#
loop_
_entity.id
_entity.type
_entity.pdbx_description
1 polymer 'Carbonic anhydrase'
2 non-polymer 'ZINC ION'
3 non-polymer 'sulfuric diamide'
4 water water
#
_entity_poly.entity_id   1
_entity_poly.type   'polypeptide(L)'
_entity_poly.pdbx_seq_one_letter_code
;ALQQLFENNVRWAEAIKQEDPDFFAKLARQQTPEYLWIGCSDARVPANEIVGMLPGDLFVHRNVANVVLHTDLNCLSVIQ
FAVDVLKVKHILVTGHYGCGGVRASLHNDQLGLIDGWLRSIRDLAYEYREHLEQLPTEEERVDRLCELNVIQQVANVSHT
SIVQNAWHRGQSLSVHGCIYGIKDGLWKNLNVTVSGLDQLPPQYRLSPL
;
_entity_poly.pdbx_strand_id   A
#
loop_
_chem_comp.id
_chem_comp.type
_chem_comp.name
_chem_comp.formula
FUS non-polymer 'sulfuric diamide' 'H4 N2 O2 S'
ZN non-polymer 'ZINC ION' 'Zn 2'
#
# COMPACT_ATOMS: atom_id res chain seq x y z
N ALA A 1 -7.79 30.15 0.51
CA ALA A 1 -7.86 29.99 -0.93
C ALA A 1 -7.07 28.78 -1.40
N LEU A 2 -7.35 28.35 -2.62
CA LEU A 2 -6.58 27.29 -3.25
C LEU A 2 -5.53 27.94 -4.16
N GLN A 3 -5.37 29.25 -4.00
CA GLN A 3 -4.48 30.04 -4.84
C GLN A 3 -3.07 29.45 -4.88
N GLN A 4 -2.49 29.26 -3.70
CA GLN A 4 -1.11 28.79 -3.59
C GLN A 4 -0.89 27.46 -4.35
N LEU A 5 -1.87 26.56 -4.27
CA LEU A 5 -1.83 25.27 -4.96
C LEU A 5 -1.78 25.44 -6.48
N PHE A 6 -2.64 26.32 -7.01
CA PHE A 6 -2.60 26.63 -8.42
C PHE A 6 -1.26 27.30 -8.73
N GLU A 7 -0.84 28.22 -7.87
CA GLU A 7 0.43 28.89 -8.07
C GLU A 7 1.61 27.93 -8.00
N ASN A 8 1.59 27.01 -7.02
CA ASN A 8 2.63 25.99 -6.91
C ASN A 8 2.70 25.13 -8.16
N ASN A 9 1.52 24.75 -8.67
CA ASN A 9 1.41 23.92 -9.87
C ASN A 9 2.05 24.54 -11.11
N VAL A 10 1.67 25.79 -11.40
CA VAL A 10 2.29 26.52 -12.51
C VAL A 10 3.81 26.55 -12.35
N ARG A 11 4.30 26.81 -11.15
CA ARG A 11 5.73 26.90 -10.90
C ARG A 11 6.44 25.56 -11.05
N TRP A 12 5.80 24.49 -10.57
CA TRP A 12 6.35 23.14 -10.65
C TRP A 12 6.48 22.71 -12.11
N ALA A 13 5.40 22.87 -12.87
CA ALA A 13 5.36 22.48 -14.28
C ALA A 13 6.34 23.27 -15.15
N GLU A 14 6.39 24.59 -14.96
CA GLU A 14 7.30 25.45 -15.75
C GLU A 14 8.74 25.08 -15.44
N ALA A 15 9.03 24.84 -14.17
CA ALA A 15 10.37 24.45 -13.74
C ALA A 15 10.83 23.15 -14.40
N ILE A 16 9.98 22.14 -14.40
CA ILE A 16 10.28 20.85 -15.04
C ILE A 16 10.52 20.99 -16.56
N LYS A 17 9.73 21.85 -17.21
CA LYS A 17 9.86 22.04 -18.65
C LYS A 17 11.15 22.81 -19.00
N GLN A 18 11.88 23.24 -17.98
CA GLN A 18 13.17 23.92 -18.18
C GLN A 18 14.31 22.90 -18.29
N GLU A 19 14.46 22.04 -17.28
CA GLU A 19 15.44 20.96 -17.35
C GLU A 19 15.11 19.96 -18.47
N ASP A 20 13.83 19.92 -18.86
CA ASP A 20 13.37 19.00 -19.91
C ASP A 20 11.99 19.41 -20.43
N PRO A 21 11.93 20.15 -21.54
CA PRO A 21 10.62 20.61 -22.02
C PRO A 21 9.77 19.49 -22.62
N ASP A 22 10.36 18.31 -22.80
CA ASP A 22 9.63 17.16 -23.35
C ASP A 22 9.07 16.27 -22.24
N PHE A 23 9.32 16.63 -20.97
CA PHE A 23 9.07 15.70 -19.87
C PHE A 23 7.64 15.17 -19.83
N PHE A 24 6.68 16.09 -19.81
CA PHE A 24 5.28 15.69 -19.69
C PHE A 24 4.81 15.09 -20.99
N ALA A 25 5.26 15.64 -22.11
CA ALA A 25 4.84 15.17 -23.42
C ALA A 25 5.18 13.70 -23.64
N LYS A 26 6.41 13.32 -23.31
CA LYS A 26 6.87 11.95 -23.48
C LYS A 26 6.03 11.04 -22.60
N LEU A 27 5.93 11.39 -21.32
CA LEU A 27 5.20 10.57 -20.36
C LEU A 27 3.72 10.38 -20.74
N ALA A 28 3.12 11.41 -21.29
CA ALA A 28 1.71 11.35 -21.69
C ALA A 28 1.44 10.25 -22.73
N ARG A 29 2.44 9.93 -23.55
CA ARG A 29 2.29 8.88 -24.54
C ARG A 29 2.00 7.50 -23.95
N GLN A 30 2.65 7.17 -22.85
CA GLN A 30 2.42 5.87 -22.22
C GLN A 30 2.76 5.82 -20.74
N GLN A 31 1.89 5.16 -19.97
CA GLN A 31 2.15 4.94 -18.57
C GLN A 31 2.85 3.57 -18.41
N THR A 32 4.08 3.59 -17.87
CA THR A 32 4.85 2.36 -17.71
C THR A 32 5.50 2.24 -16.33
N PRO A 33 4.70 2.41 -15.26
CA PRO A 33 5.33 2.29 -13.95
C PRO A 33 5.71 0.85 -13.69
N GLU A 34 6.71 0.64 -12.84
CA GLU A 34 7.11 -0.71 -12.52
C GLU A 34 6.61 -1.11 -11.15
N TYR A 35 6.11 -0.13 -10.39
CA TYR A 35 5.68 -0.34 -9.01
C TYR A 35 4.25 0.13 -8.77
N LEU A 36 3.51 -0.63 -7.97
CA LEU A 36 2.24 -0.19 -7.41
C LEU A 36 2.40 0.02 -5.91
N TRP A 37 2.11 1.24 -5.44
CA TRP A 37 2.10 1.53 -4.01
C TRP A 37 0.69 1.35 -3.43
N ILE A 38 0.58 0.52 -2.41
CA ILE A 38 -0.63 0.47 -1.60
C ILE A 38 -0.26 0.94 -0.20
N GLY A 39 -0.78 2.10 0.19
CA GLY A 39 -0.39 2.70 1.45
C GLY A 39 -1.55 3.41 2.11
N CYS A 40 -1.29 4.07 3.25
CA CYS A 40 -2.33 4.82 3.94
C CYS A 40 -2.58 6.19 3.32
N SER A 41 -3.78 6.72 3.51
CA SER A 41 -4.18 8.05 3.04
C SER A 41 -3.53 9.18 3.88
N ASP A 42 -3.05 8.81 5.06
CA ASP A 42 -2.36 9.74 5.97
C ASP A 42 -1.47 10.72 5.21
N ALA A 43 -1.65 12.01 5.46
CA ALA A 43 -0.99 13.08 4.70
C ALA A 43 0.52 13.06 4.91
N ARG A 44 0.94 12.36 5.95
CA ARG A 44 2.35 12.33 6.31
C ARG A 44 3.10 11.23 5.56
N VAL A 45 2.38 10.46 4.75
CA VAL A 45 2.97 9.34 4.02
C VAL A 45 2.83 9.45 2.48
N PRO A 46 3.35 10.54 1.88
CA PRO A 46 3.23 10.65 0.41
C PRO A 46 4.21 9.70 -0.28
N ALA A 47 3.66 8.83 -1.12
CA ALA A 47 4.39 7.72 -1.72
C ALA A 47 5.62 8.14 -2.51
N ASN A 48 5.39 8.96 -3.54
CA ASN A 48 6.46 9.34 -4.44
C ASN A 48 7.63 9.99 -3.72
N GLU A 49 7.32 10.94 -2.84
CA GLU A 49 8.40 11.66 -2.13
C GLU A 49 9.26 10.70 -1.29
N ILE A 50 8.59 9.76 -0.62
CA ILE A 50 9.27 8.88 0.33
C ILE A 50 10.30 8.00 -0.35
N VAL A 51 10.02 7.55 -1.58
CA VAL A 51 11.01 6.76 -2.28
C VAL A 51 11.66 7.48 -3.47
N GLY A 52 11.54 8.81 -3.49
CA GLY A 52 12.12 9.61 -4.55
C GLY A 52 11.76 9.22 -5.98
N MET A 53 10.51 8.81 -6.19
CA MET A 53 10.03 8.50 -7.54
C MET A 53 9.55 9.75 -8.27
N LEU A 54 9.66 9.74 -9.60
CA LEU A 54 9.17 10.84 -10.43
C LEU A 54 7.77 10.48 -10.93
N PRO A 55 7.02 11.46 -11.43
CA PRO A 55 5.79 11.15 -12.19
C PRO A 55 6.10 10.06 -13.22
N GLY A 56 5.22 9.07 -13.33
CA GLY A 56 5.43 7.97 -14.26
C GLY A 56 5.92 6.70 -13.60
N ASP A 57 6.57 6.83 -12.45
CA ASP A 57 7.25 5.69 -11.82
C ASP A 57 6.34 4.81 -10.97
N LEU A 58 5.35 5.42 -10.32
CA LEU A 58 4.64 4.77 -9.23
C LEU A 58 3.12 4.82 -9.36
N PHE A 59 2.49 3.67 -9.64
CA PHE A 59 1.02 3.52 -9.62
C PHE A 59 0.65 3.50 -8.15
N VAL A 60 -0.39 4.24 -7.77
CA VAL A 60 -0.69 4.49 -6.35
C VAL A 60 -2.14 4.21 -5.94
N HIS A 61 -2.32 3.40 -4.90
CA HIS A 61 -3.60 3.33 -4.19
C HIS A 61 -3.34 3.73 -2.76
N ARG A 62 -4.19 4.60 -2.23
CA ARG A 62 -4.12 4.92 -0.82
C ARG A 62 -5.50 4.92 -0.19
N ASN A 63 -5.62 4.24 0.94
CA ASN A 63 -6.89 4.19 1.67
C ASN A 63 -6.63 4.27 3.20
N VAL A 64 -7.68 4.34 4.01
CA VAL A 64 -7.44 4.39 5.46
C VAL A 64 -6.84 3.07 5.96
N ALA A 65 -5.60 3.17 6.43
CA ALA A 65 -4.83 2.06 7.00
C ALA A 65 -4.45 0.98 5.99
N ASN A 66 -4.37 1.36 4.73
CA ASN A 66 -3.82 0.48 3.68
C ASN A 66 -4.38 -0.95 3.77
N VAL A 67 -5.70 -1.03 3.78
CA VAL A 67 -6.43 -2.28 3.93
C VAL A 67 -6.79 -2.86 2.57
N VAL A 68 -6.58 -4.16 2.39
CA VAL A 68 -6.84 -4.81 1.12
C VAL A 68 -7.86 -5.92 1.38
N LEU A 69 -9.05 -5.77 0.80
CA LEU A 69 -10.14 -6.73 1.04
C LEU A 69 -10.53 -7.43 -0.25
N HIS A 70 -10.81 -8.73 -0.17
CA HIS A 70 -11.08 -9.50 -1.39
C HIS A 70 -12.46 -9.23 -2.01
N THR A 71 -13.28 -8.41 -1.36
CA THR A 71 -14.55 -7.99 -1.97
C THR A 71 -14.60 -6.49 -2.28
N ASP A 72 -13.46 -5.81 -2.16
CA ASP A 72 -13.43 -4.39 -2.40
C ASP A 72 -12.98 -4.10 -3.83
N LEU A 73 -13.91 -3.86 -4.75
CA LEU A 73 -13.48 -3.60 -6.14
C LEU A 73 -12.66 -2.32 -6.30
N ASN A 74 -12.72 -1.41 -5.33
CA ASN A 74 -11.89 -0.20 -5.39
C ASN A 74 -10.42 -0.60 -5.42
N CYS A 75 -9.93 -1.15 -4.31
CA CYS A 75 -8.52 -1.56 -4.24
C CYS A 75 -8.20 -2.69 -5.23
N LEU A 76 -9.11 -3.66 -5.36
CA LEU A 76 -8.85 -4.77 -6.26
C LEU A 76 -8.71 -4.33 -7.72
N SER A 77 -9.46 -3.29 -8.12
CA SER A 77 -9.35 -2.84 -9.50
C SER A 77 -8.04 -2.13 -9.76
N VAL A 78 -7.50 -1.46 -8.74
CA VAL A 78 -6.18 -0.85 -8.86
C VAL A 78 -5.14 -1.97 -9.04
N ILE A 79 -5.23 -3.00 -8.20
CA ILE A 79 -4.32 -4.14 -8.29
C ILE A 79 -4.42 -4.79 -9.65
N GLN A 80 -5.64 -5.04 -10.10
CA GLN A 80 -5.81 -5.71 -11.38
C GLN A 80 -5.33 -4.85 -12.57
N PHE A 81 -5.62 -3.55 -12.54
CA PHE A 81 -5.13 -2.68 -13.62
C PHE A 81 -3.60 -2.68 -13.62
N ALA A 82 -3.02 -2.63 -12.43
CA ALA A 82 -1.56 -2.62 -12.30
C ALA A 82 -0.93 -3.92 -12.80
N VAL A 83 -1.51 -5.05 -12.41
CA VAL A 83 -0.94 -6.36 -12.69
C VAL A 83 -1.21 -6.80 -14.14
N ASP A 84 -2.46 -6.66 -14.57
CA ASP A 84 -2.89 -7.15 -15.89
C ASP A 84 -2.61 -6.19 -17.04
N VAL A 85 -2.89 -4.91 -16.83
CA VAL A 85 -2.71 -3.93 -17.91
C VAL A 85 -1.29 -3.37 -17.91
N LEU A 86 -0.85 -2.81 -16.78
CA LEU A 86 0.43 -2.12 -16.76
C LEU A 86 1.60 -3.07 -16.56
N LYS A 87 1.27 -4.26 -16.05
CA LYS A 87 2.26 -5.30 -15.77
C LYS A 87 3.39 -4.82 -14.85
N VAL A 88 3.01 -4.17 -13.76
CA VAL A 88 3.99 -3.75 -12.76
C VAL A 88 4.71 -4.99 -12.23
N LYS A 89 5.94 -4.78 -11.78
CA LYS A 89 6.79 -5.89 -11.37
C LYS A 89 6.75 -6.08 -9.86
N HIS A 90 6.29 -5.04 -9.16
CA HIS A 90 6.30 -5.01 -7.69
C HIS A 90 5.09 -4.28 -7.14
N ILE A 91 4.54 -4.82 -6.05
CA ILE A 91 3.50 -4.15 -5.30
C ILE A 91 4.13 -3.84 -3.94
N LEU A 92 4.22 -2.55 -3.62
CA LEU A 92 4.77 -2.13 -2.34
C LEU A 92 3.66 -1.86 -1.34
N VAL A 93 3.37 -2.84 -0.49
CA VAL A 93 2.42 -2.62 0.59
C VAL A 93 3.17 -1.87 1.70
N THR A 94 2.88 -0.57 1.84
CA THR A 94 3.52 0.22 2.88
C THR A 94 2.51 0.70 3.92
N GLY A 95 2.65 0.19 5.15
CA GLY A 95 1.86 0.73 6.25
C GLY A 95 2.74 1.78 6.89
N HIS A 96 2.34 2.29 8.05
CA HIS A 96 3.23 3.22 8.77
C HIS A 96 3.00 3.20 10.27
N TYR A 97 4.02 3.61 11.03
CA TYR A 97 3.88 3.70 12.47
C TYR A 97 2.98 4.89 12.86
N GLY A 98 2.29 4.78 13.99
CA GLY A 98 1.40 5.85 14.41
C GLY A 98 0.14 5.99 13.55
N CYS A 99 -0.20 4.91 12.83
CA CYS A 99 -1.40 4.93 11.98
C CYS A 99 -2.68 5.10 12.80
N GLY A 100 -3.48 6.11 12.45
CA GLY A 100 -4.70 6.42 13.19
C GLY A 100 -5.81 5.41 12.96
N GLY A 101 -5.84 4.83 11.76
CA GLY A 101 -6.77 3.74 11.48
C GLY A 101 -6.48 2.55 12.36
N VAL A 102 -5.19 2.21 12.48
CA VAL A 102 -4.77 1.10 13.30
C VAL A 102 -5.09 1.39 14.77
N ARG A 103 -4.74 2.59 15.22
CA ARG A 103 -4.99 2.99 16.60
C ARG A 103 -6.46 2.91 16.96
N ALA A 104 -7.33 3.36 16.06
CA ALA A 104 -8.77 3.38 16.33
C ALA A 104 -9.34 1.96 16.42
N SER A 105 -8.70 1.03 15.73
CA SER A 105 -9.09 -0.37 15.74
C SER A 105 -8.73 -1.03 17.06
N LEU A 106 -7.73 -0.46 17.74
CA LEU A 106 -7.25 -0.98 19.01
C LEU A 106 -8.13 -0.51 20.17
N HIS A 107 -8.84 0.59 19.95
CA HIS A 107 -9.71 1.16 20.98
C HIS A 107 -11.18 0.94 20.61
N ASN A 108 -12.09 1.60 21.30
CA ASN A 108 -13.49 1.20 21.25
C ASN A 108 -14.50 2.31 20.96
N ASP A 109 -14.00 3.47 20.53
CA ASP A 109 -14.88 4.54 20.10
C ASP A 109 -15.41 4.29 18.69
N GLN A 110 -16.68 4.61 18.45
CA GLN A 110 -17.22 4.51 17.10
C GLN A 110 -16.85 5.74 16.31
N LEU A 111 -16.36 5.53 15.10
CA LEU A 111 -16.03 6.65 14.21
C LEU A 111 -16.97 6.67 13.00
N GLY A 112 -17.93 5.74 12.98
CA GLY A 112 -18.91 5.69 11.91
C GLY A 112 -18.59 4.66 10.84
N LEU A 113 -18.78 5.06 9.57
CA LEU A 113 -18.51 4.21 8.43
C LEU A 113 -17.17 3.51 8.52
N ILE A 114 -16.16 4.24 8.98
CA ILE A 114 -14.82 3.69 9.03
C ILE A 114 -14.71 2.49 9.98
N ASP A 115 -15.65 2.37 10.91
CA ASP A 115 -15.64 1.27 11.88
C ASP A 115 -15.67 -0.06 11.12
N GLY A 116 -16.49 -0.13 10.06
CA GLY A 116 -16.57 -1.32 9.25
C GLY A 116 -15.32 -1.55 8.41
N TRP A 117 -14.79 -0.48 7.83
CA TRP A 117 -13.57 -0.55 7.05
C TRP A 117 -12.41 -1.17 7.82
N LEU A 118 -12.30 -0.80 9.09
CA LEU A 118 -11.17 -1.17 9.94
C LEU A 118 -11.36 -2.53 10.62
N ARG A 119 -12.52 -3.15 10.40
CA ARG A 119 -12.86 -4.43 11.04
C ARG A 119 -11.73 -5.45 10.96
N SER A 120 -11.11 -5.57 9.80
CA SER A 120 -10.09 -6.58 9.59
C SER A 120 -8.86 -6.35 10.46
N ILE A 121 -8.60 -5.09 10.81
CA ILE A 121 -7.50 -4.76 11.71
C ILE A 121 -7.93 -5.09 13.13
N ARG A 122 -9.22 -4.92 13.41
CA ARG A 122 -9.75 -5.26 14.71
C ARG A 122 -9.66 -6.78 14.93
N ASP A 123 -9.87 -7.55 13.86
CA ASP A 123 -9.76 -9.01 13.92
C ASP A 123 -8.33 -9.40 14.22
N LEU A 124 -7.41 -8.55 13.76
CA LEU A 124 -5.99 -8.80 13.85
C LEU A 124 -5.51 -8.61 15.29
N ALA A 125 -6.03 -7.57 15.92
CA ALA A 125 -5.70 -7.26 17.30
C ALA A 125 -6.26 -8.30 18.26
N TYR A 126 -7.27 -9.04 17.80
CA TYR A 126 -7.86 -10.09 18.59
C TYR A 126 -7.10 -11.41 18.41
N GLU A 127 -6.75 -11.72 17.16
CA GLU A 127 -5.93 -12.89 16.84
C GLU A 127 -4.59 -12.83 17.58
N TYR A 128 -4.12 -11.63 17.86
CA TYR A 128 -2.82 -11.42 18.49
C TYR A 128 -2.92 -10.75 19.87
N ARG A 129 -4.05 -10.94 20.55
CA ARG A 129 -4.29 -10.29 21.84
C ARG A 129 -3.25 -10.67 22.89
N GLU A 130 -2.82 -11.92 22.91
CA GLU A 130 -1.79 -12.39 23.83
C GLU A 130 -0.50 -11.61 23.63
N HIS A 131 -0.10 -11.49 22.37
CA HIS A 131 1.13 -10.77 22.01
C HIS A 131 1.03 -9.29 22.40
N LEU A 132 -0.02 -8.62 21.93
CA LEU A 132 -0.18 -7.19 22.17
C LEU A 132 -0.34 -6.85 23.65
N GLU A 133 -0.85 -7.81 24.43
CA GLU A 133 -1.08 -7.62 25.87
C GLU A 133 0.19 -7.81 26.68
N GLN A 134 1.27 -8.20 26.02
CA GLN A 134 2.56 -8.39 26.68
C GLN A 134 3.54 -7.30 26.28
N LEU A 135 3.05 -6.36 25.48
CA LEU A 135 3.76 -5.11 25.24
C LEU A 135 3.22 -4.10 26.24
N PRO A 136 4.10 -3.22 26.75
CA PRO A 136 3.68 -2.12 27.63
C PRO A 136 2.73 -1.13 26.93
N THR A 137 3.19 0.11 26.74
CA THR A 137 2.39 1.23 26.23
C THR A 137 1.46 0.95 25.04
N GLU A 138 0.47 1.83 24.86
CA GLU A 138 -0.41 1.77 23.69
C GLU A 138 0.39 1.97 22.41
N GLU A 139 1.24 3.00 22.43
CA GLU A 139 2.11 3.34 21.32
C GLU A 139 2.82 2.11 20.74
N GLU A 140 3.19 1.17 21.60
CA GLU A 140 3.86 -0.05 21.16
C GLU A 140 2.87 -1.08 20.62
N ARG A 141 1.69 -1.13 21.22
CA ARG A 141 0.64 -2.01 20.72
C ARG A 141 0.20 -1.51 19.35
N VAL A 142 -0.03 -0.21 19.23
CA VAL A 142 -0.37 0.41 17.96
C VAL A 142 0.69 0.13 16.89
N ASP A 143 1.95 0.43 17.22
CA ASP A 143 3.02 0.30 16.23
C ASP A 143 3.24 -1.15 15.81
N ARG A 144 3.09 -2.07 16.76
CA ARG A 144 3.21 -3.50 16.48
C ARG A 144 2.04 -3.95 15.58
N LEU A 145 0.84 -3.53 15.91
CA LEU A 145 -0.33 -3.81 15.07
C LEU A 145 -0.16 -3.24 13.65
N CYS A 146 0.52 -2.09 13.55
CA CYS A 146 0.80 -1.49 12.24
C CYS A 146 1.60 -2.46 11.37
N GLU A 147 2.59 -3.09 11.98
CA GLU A 147 3.44 -4.05 11.30
C GLU A 147 2.67 -5.31 10.95
N LEU A 148 1.91 -5.81 11.93
CA LEU A 148 1.10 -7.01 11.74
C LEU A 148 0.13 -6.79 10.60
N ASN A 149 -0.44 -5.59 10.54
CA ASN A 149 -1.38 -5.23 9.49
C ASN A 149 -0.74 -5.29 8.11
N VAL A 150 0.43 -4.68 7.97
CA VAL A 150 1.21 -4.75 6.73
C VAL A 150 1.41 -6.21 6.28
N ILE A 151 1.87 -7.06 7.19
CA ILE A 151 2.15 -8.45 6.83
C ILE A 151 0.87 -9.13 6.38
N GLN A 152 -0.23 -8.84 7.07
CA GLN A 152 -1.51 -9.40 6.66
C GLN A 152 -1.92 -8.91 5.27
N GLN A 153 -1.78 -7.62 5.01
CA GLN A 153 -2.15 -7.09 3.71
C GLN A 153 -1.30 -7.67 2.58
N VAL A 154 -0.03 -7.98 2.88
CA VAL A 154 0.83 -8.63 1.91
C VAL A 154 0.24 -9.98 1.52
N ALA A 155 -0.07 -10.79 2.53
CA ALA A 155 -0.73 -12.06 2.29
C ALA A 155 -2.02 -11.89 1.49
N ASN A 156 -2.82 -10.88 1.84
CA ASN A 156 -4.08 -10.63 1.13
C ASN A 156 -3.91 -10.34 -0.36
N VAL A 157 -2.92 -9.51 -0.69
CA VAL A 157 -2.65 -9.17 -2.07
C VAL A 157 -2.20 -10.44 -2.79
N SER A 158 -1.25 -11.14 -2.19
CA SER A 158 -0.68 -12.36 -2.78
C SER A 158 -1.72 -13.46 -3.04
N HIS A 159 -2.77 -13.52 -2.22
CA HIS A 159 -3.81 -14.55 -2.35
C HIS A 159 -4.85 -14.25 -3.42
N THR A 160 -4.88 -13.02 -3.93
CA THR A 160 -5.85 -12.67 -4.97
C THR A 160 -5.63 -13.54 -6.18
N SER A 161 -6.71 -13.88 -6.87
CA SER A 161 -6.60 -14.57 -8.16
C SER A 161 -5.88 -13.67 -9.17
N ILE A 162 -6.00 -12.35 -8.99
CA ILE A 162 -5.31 -11.41 -9.85
C ILE A 162 -3.81 -11.70 -9.86
N VAL A 163 -3.22 -11.71 -8.68
CA VAL A 163 -1.79 -12.00 -8.54
C VAL A 163 -1.46 -13.45 -8.93
N GLN A 164 -2.25 -14.41 -8.48
CA GLN A 164 -1.93 -15.82 -8.78
C GLN A 164 -1.95 -16.13 -10.27
N ASN A 165 -2.92 -15.56 -10.99
CA ASN A 165 -3.00 -15.74 -12.43
C ASN A 165 -1.84 -15.07 -13.18
N ALA A 166 -1.30 -14.00 -12.61
CA ALA A 166 -0.08 -13.39 -13.15
C ALA A 166 1.05 -14.40 -13.11
N TRP A 167 1.19 -15.06 -11.96
CA TRP A 167 2.22 -16.06 -11.75
C TRP A 167 2.01 -17.26 -12.69
N HIS A 168 0.79 -17.79 -12.72
CA HIS A 168 0.46 -18.94 -13.56
C HIS A 168 0.90 -18.71 -14.99
N ARG A 169 0.73 -17.48 -15.47
CA ARG A 169 1.10 -17.14 -16.83
C ARG A 169 2.54 -16.60 -16.94
N GLY A 170 3.32 -16.76 -15.89
CA GLY A 170 4.75 -16.45 -15.97
C GLY A 170 5.17 -14.99 -15.92
N GLN A 171 4.32 -14.13 -15.37
CA GLN A 171 4.72 -12.74 -15.13
C GLN A 171 5.54 -12.72 -13.86
N SER A 172 6.62 -11.94 -13.83
CA SER A 172 7.37 -11.70 -12.61
C SER A 172 6.66 -10.62 -11.79
N LEU A 173 6.40 -10.90 -10.52
CA LEU A 173 5.64 -9.97 -9.68
C LEU A 173 5.93 -10.30 -8.22
N SER A 174 6.49 -9.33 -7.50
CA SER A 174 6.72 -9.51 -6.07
C SER A 174 5.85 -8.56 -5.24
N VAL A 175 5.35 -9.06 -4.13
CA VAL A 175 4.54 -8.29 -3.19
C VAL A 175 5.39 -8.06 -1.95
N HIS A 176 5.74 -6.81 -1.68
CA HIS A 176 6.61 -6.51 -0.54
C HIS A 176 5.83 -5.87 0.58
N GLY A 177 6.31 -6.04 1.81
CA GLY A 177 5.75 -5.36 2.96
C GLY A 177 6.79 -4.42 3.56
N CYS A 178 6.48 -3.14 3.59
CA CYS A 178 7.36 -2.16 4.17
C CYS A 178 6.62 -1.34 5.21
N ILE A 179 7.35 -0.62 6.04
CA ILE A 179 6.72 0.25 7.02
C ILE A 179 7.46 1.58 7.13
N TYR A 180 6.71 2.67 7.03
CA TYR A 180 7.26 4.01 7.09
C TYR A 180 7.19 4.55 8.52
N GLY A 181 8.24 5.23 8.96
CA GLY A 181 8.22 5.86 10.26
C GLY A 181 7.88 7.32 10.07
N ILE A 182 6.71 7.76 10.54
CA ILE A 182 6.39 9.18 10.46
C ILE A 182 7.27 10.03 11.40
N LYS A 183 7.96 9.36 12.31
CA LYS A 183 8.86 10.03 13.24
C LYS A 183 10.24 10.26 12.69
N ASP A 184 10.66 9.43 11.74
CA ASP A 184 12.05 9.51 11.27
C ASP A 184 12.20 9.55 9.75
N GLY A 185 11.08 9.49 9.03
CA GLY A 185 11.13 9.60 7.58
C GLY A 185 11.63 8.32 6.91
N LEU A 186 11.82 7.26 7.69
CA LEU A 186 12.45 6.05 7.16
C LEU A 186 11.48 4.96 6.68
N TRP A 187 11.68 4.53 5.45
CA TRP A 187 10.91 3.46 4.82
C TRP A 187 11.63 2.11 5.03
N LYS A 188 11.07 1.28 5.90
CA LYS A 188 11.75 0.07 6.35
C LYS A 188 11.15 -1.20 5.71
N ASN A 189 12.02 -2.15 5.33
CA ASN A 189 11.53 -3.44 4.80
C ASN A 189 11.19 -4.41 5.93
N LEU A 190 9.97 -4.98 5.91
CA LEU A 190 9.60 -5.96 6.92
C LEU A 190 9.98 -7.37 6.46
N ASN A 191 10.60 -7.45 5.28
CA ASN A 191 11.10 -8.71 4.74
C ASN A 191 10.08 -9.83 4.67
N VAL A 192 8.93 -9.56 4.04
CA VAL A 192 7.88 -10.56 3.90
C VAL A 192 7.48 -10.74 2.44
N THR A 193 8.44 -10.51 1.55
CA THR A 193 8.18 -10.52 0.11
C THR A 193 7.73 -11.89 -0.39
N VAL A 194 6.65 -11.89 -1.16
CA VAL A 194 6.10 -13.08 -1.78
C VAL A 194 6.21 -12.90 -3.28
N SER A 195 6.80 -13.87 -3.97
CA SER A 195 7.03 -13.69 -5.41
C SER A 195 6.56 -14.85 -6.26
N GLY A 196 5.96 -15.86 -5.62
CA GLY A 196 5.43 -17.00 -6.37
C GLY A 196 4.46 -17.87 -5.61
N LEU A 197 3.76 -18.73 -6.35
CA LEU A 197 2.72 -19.61 -5.80
C LEU A 197 3.21 -20.56 -4.72
N ASP A 198 4.45 -21.00 -4.84
CA ASP A 198 5.02 -21.97 -3.90
C ASP A 198 5.04 -21.45 -2.47
N GLN A 199 5.03 -20.13 -2.31
CA GLN A 199 5.00 -19.54 -0.97
C GLN A 199 3.59 -19.41 -0.34
N LEU A 200 2.55 -19.79 -1.07
CA LEU A 200 1.20 -19.67 -0.51
C LEU A 200 0.77 -20.97 0.18
N PRO A 201 0.07 -20.87 1.32
CA PRO A 201 -0.53 -22.09 1.88
C PRO A 201 -1.44 -22.76 0.86
N PRO A 202 -1.46 -24.10 0.82
CA PRO A 202 -2.26 -24.87 -0.15
C PRO A 202 -3.72 -24.44 -0.15
N GLN A 203 -4.20 -24.01 1.02
CA GLN A 203 -5.61 -23.65 1.19
C GLN A 203 -5.99 -22.35 0.49
N TYR A 204 -4.98 -21.55 0.12
CA TYR A 204 -5.22 -20.28 -0.58
C TYR A 204 -4.85 -20.36 -2.04
N ARG A 205 -4.19 -21.45 -2.43
CA ARG A 205 -3.75 -21.60 -3.81
C ARG A 205 -4.91 -21.87 -4.73
N LEU A 206 -4.92 -21.17 -5.86
CA LEU A 206 -5.95 -21.42 -6.87
C LEU A 206 -5.29 -22.08 -8.08
N SER A 207 -6.05 -22.98 -8.70
CA SER A 207 -5.62 -23.63 -9.92
C SER A 207 -5.68 -22.64 -11.06
N PRO A 208 -4.83 -22.83 -12.07
CA PRO A 208 -4.90 -21.95 -13.24
C PRO A 208 -6.22 -22.14 -13.97
N LEU A 209 -6.59 -21.17 -14.79
CA LEU A 209 -7.80 -21.28 -15.62
C LEU A 209 -7.65 -22.40 -16.65
ZN ZN B . -2.49 5.55 8.54
NAA FUS C . -4.89 8.52 10.89
SAE FUS C . -4.54 7.70 9.50
OAC FUS C . -4.94 8.59 8.35
OAD FUS C . -5.29 6.40 9.43
NAB FUS C . -2.95 7.28 9.42
#